data_2DLB
#
_entry.id   2DLB
#
_cell.length_a   32.347
_cell.length_b   76.116
_cell.length_c   78.385
_cell.angle_alpha   90.00
_cell.angle_beta   90.00
_cell.angle_gamma   90.00
#
_symmetry.space_group_name_H-M   'P 21 21 21'
#
loop_
_entity.id
_entity.type
_entity.pdbx_description
1 polymer yopT
2 water water
#
_entity_poly.entity_id   1
_entity_poly.type   'polypeptide(L)'
_entity_poly.pdbx_seq_one_letter_code
;(MSE)AGYLNNIALNLEIVLKNKADSPEVSETLVTRICENLLLSKEVSFLKADGSVENFKLSD(MSE)EYEITNTEELPE
LEHHHHHH
;
_entity_poly.pdbx_strand_id   A,B
#
# COMPACT_ATOMS: atom_id res chain seq x y z
N ALA A 2 -16.38 -20.46 11.12
CA ALA A 2 -16.09 -19.44 12.12
C ALA A 2 -15.63 -18.21 11.33
N GLY A 3 -15.68 -17.09 12.02
CA GLY A 3 -15.04 -15.91 11.45
C GLY A 3 -13.58 -15.78 11.86
N TYR A 4 -12.78 -15.17 10.98
CA TYR A 4 -11.39 -14.88 11.26
C TYR A 4 -11.05 -13.49 10.80
N LEU A 5 -10.19 -12.84 11.57
CA LEU A 5 -9.60 -11.56 11.15
C LEU A 5 -8.15 -11.88 10.81
N ASN A 6 -7.67 -11.36 9.71
CA ASN A 6 -6.28 -11.44 9.31
C ASN A 6 -5.69 -10.05 9.14
N ASN A 7 -4.47 -9.88 9.65
CA ASN A 7 -3.69 -8.67 9.41
C ASN A 7 -2.58 -9.04 8.45
N ILE A 8 -2.42 -8.29 7.38
CA ILE A 8 -1.48 -8.57 6.32
C ILE A 8 -0.56 -7.35 6.17
N ALA A 9 0.73 -7.62 6.10
CA ALA A 9 1.77 -6.64 5.80
C ALA A 9 1.96 -6.61 4.29
N LEU A 10 1.77 -5.42 3.71
CA LEU A 10 2.07 -5.19 2.31
C LEU A 10 3.29 -4.27 2.20
N ASN A 11 4.29 -4.72 1.48
CA ASN A 11 5.46 -3.91 1.23
C ASN A 11 5.45 -3.50 -0.22
N LEU A 12 5.15 -2.24 -0.43
CA LEU A 12 5.02 -1.66 -1.72
C LEU A 12 6.21 -0.77 -2.06
N GLU A 13 6.54 -0.64 -3.33
CA GLU A 13 7.44 0.36 -3.82
C GLU A 13 6.68 1.20 -4.86
N ILE A 14 6.67 2.48 -4.70
CA ILE A 14 5.99 3.44 -5.59
C ILE A 14 7.04 4.37 -6.20
N VAL A 15 6.67 5.00 -7.30
CA VAL A 15 7.51 5.93 -8.05
C VAL A 15 6.81 7.27 -8.09
N LEU A 16 7.49 8.33 -7.67
CA LEU A 16 6.94 9.70 -7.65
C LEU A 16 8.00 10.64 -8.25
N LYS A 17 7.64 11.36 -9.29
CA LYS A 17 8.50 12.30 -9.99
C LYS A 17 8.10 13.72 -9.64
N ASN A 18 9.09 14.60 -9.60
CA ASN A 18 8.78 16.02 -9.34
C ASN A 18 9.90 16.87 -9.91
N LYS A 19 9.78 18.16 -9.74
CA LYS A 19 10.74 19.15 -10.20
C LYS A 19 11.24 19.87 -8.94
N ALA A 20 12.56 20.09 -8.91
CA ALA A 20 13.15 20.74 -7.78
C ALA A 20 14.58 21.19 -8.12
N ASP A 21 15.13 22.08 -7.34
CA ASP A 21 16.50 22.55 -7.61
C ASP A 21 17.59 21.68 -7.00
N SER A 22 17.25 20.65 -6.24
CA SER A 22 18.19 19.71 -5.64
C SER A 22 17.44 18.45 -5.27
N PRO A 23 18.16 17.34 -5.07
CA PRO A 23 17.48 16.14 -4.57
C PRO A 23 16.95 16.32 -3.16
N GLU A 24 17.60 17.17 -2.35
CA GLU A 24 17.11 17.45 -1.01
C GLU A 24 15.70 18.03 -1.06
N VAL A 25 15.45 19.01 -1.96
CA VAL A 25 14.14 19.63 -2.03
C VAL A 25 13.18 18.61 -2.61
N SER A 26 13.60 17.80 -3.58
CA SER A 26 12.75 16.73 -4.12
C SER A 26 12.25 15.81 -3.02
N GLU A 27 13.19 15.43 -2.13
CA GLU A 27 12.82 14.58 -1.01
C GLU A 27 11.88 15.25 -0.01
N THR A 28 12.11 16.54 0.29
CA THR A 28 11.20 17.25 1.18
C THR A 28 9.79 17.26 0.61
N LEU A 29 9.64 17.46 -0.69
CA LEU A 29 8.33 17.48 -1.34
C LEU A 29 7.63 16.12 -1.20
N VAL A 30 8.33 15.02 -1.52
CA VAL A 30 7.77 13.68 -1.41
C VAL A 30 7.46 13.37 0.02
N THR A 31 8.31 13.77 0.97
CA THR A 31 8.07 13.51 2.39
C THR A 31 6.78 14.15 2.86
N ARG A 32 6.51 15.38 2.44
CA ARG A 32 5.27 16.04 2.87
C ARG A 32 4.06 15.24 2.38
N ILE A 33 4.14 14.78 1.15
CA ILE A 33 3.01 14.01 0.59
C ILE A 33 2.82 12.75 1.43
N CYS A 34 3.87 12.02 1.69
CA CYS A 34 3.77 10.74 2.39
C CYS A 34 3.34 10.94 3.84
N GLU A 35 3.87 11.98 4.51
CA GLU A 35 3.47 12.23 5.88
C GLU A 35 1.99 12.48 6.00
N ASN A 36 1.41 13.12 4.97
CA ASN A 36 -0.05 13.37 4.95
C ASN A 36 -0.83 12.11 4.60
N LEU A 37 -0.24 10.97 4.37
CA LEU A 37 -0.97 9.73 4.13
C LEU A 37 -1.04 8.84 5.36
N LEU A 38 -0.24 9.11 6.40
CA LEU A 38 -0.01 8.19 7.47
C LEU A 38 -1.29 7.68 8.13
N LEU A 39 -2.29 8.55 8.24
CA LEU A 39 -3.50 8.18 8.97
C LEU A 39 -4.63 7.76 8.05
N SER A 40 -4.35 7.56 6.76
CA SER A 40 -5.37 7.10 5.84
C SER A 40 -6.02 5.81 6.34
N LYS A 41 -7.35 5.73 6.23
CA LYS A 41 -8.10 4.60 6.72
C LYS A 41 -8.35 3.52 5.67
N GLU A 42 -8.11 3.84 4.41
CA GLU A 42 -8.48 2.92 3.31
C GLU A 42 -7.51 3.08 2.17
N VAL A 43 -7.04 1.96 1.64
CA VAL A 43 -6.16 1.87 0.50
C VAL A 43 -6.87 1.07 -0.60
N SER A 44 -6.64 1.48 -1.84
CA SER A 44 -7.21 0.77 -2.97
C SER A 44 -6.15 0.43 -3.97
N PHE A 45 -6.33 -0.70 -4.63
CA PHE A 45 -5.42 -1.18 -5.67
C PHE A 45 -6.16 -1.25 -7.01
N LEU A 46 -5.56 -0.71 -8.06
CA LEU A 46 -5.98 -0.86 -9.44
C LEU A 46 -5.28 -2.12 -9.96
N LYS A 47 -6.01 -3.24 -9.98
CA LYS A 47 -5.45 -4.54 -10.28
C LYS A 47 -5.18 -4.65 -11.77
N ALA A 48 -4.43 -5.69 -12.12
CA ALA A 48 -4.00 -5.89 -13.50
C ALA A 48 -5.20 -5.96 -14.43
N ASP A 49 -6.31 -6.52 -14.03
CA ASP A 49 -7.48 -6.63 -14.88
C ASP A 49 -8.31 -5.35 -14.92
N GLY A 50 -7.88 -4.28 -14.24
CA GLY A 50 -8.57 -3.02 -14.26
C GLY A 50 -9.60 -2.82 -13.18
N SER A 51 -9.88 -3.86 -12.40
CA SER A 51 -10.79 -3.69 -11.28
C SER A 51 -10.07 -3.04 -10.10
N VAL A 52 -10.82 -2.38 -9.27
CA VAL A 52 -10.28 -1.68 -8.09
C VAL A 52 -10.79 -2.37 -6.85
N GLU A 53 -9.90 -2.68 -5.94
CA GLU A 53 -10.26 -3.30 -4.68
C GLU A 53 -9.82 -2.40 -3.52
N ASN A 54 -10.74 -2.16 -2.57
CA ASN A 54 -10.49 -1.36 -1.39
C ASN A 54 -10.30 -2.21 -0.15
N PHE A 55 -9.40 -1.79 0.71
CA PHE A 55 -9.07 -2.46 1.95
C PHE A 55 -8.98 -1.49 3.13
N LYS A 56 -9.40 -1.96 4.30
CA LYS A 56 -9.13 -1.25 5.52
C LYS A 56 -7.61 -1.19 5.76
N LEU A 57 -7.10 0.00 5.99
CA LEU A 57 -5.71 0.24 6.29
C LEU A 57 -5.55 0.57 7.77
N SER A 58 -4.78 -0.26 8.47
N SER A 58 -4.79 -0.25 8.49
CA SER A 58 -4.52 -0.24 9.89
CA SER A 58 -4.60 0.03 9.91
C SER A 58 -3.30 0.57 10.29
C SER A 58 -3.37 0.88 10.18
N ASP A 59 -2.30 0.61 9.44
CA ASP A 59 -1.01 1.22 9.72
C ASP A 59 -0.29 1.53 8.48
N GLU A 61 3.80 3.02 7.26
CA GLU A 61 5.11 3.64 7.45
C GLU A 61 5.69 3.83 6.06
N TYR A 62 6.64 4.69 5.89
CA TYR A 62 7.30 4.88 4.60
C TYR A 62 8.75 5.29 4.80
N GLU A 63 9.47 5.08 3.71
CA GLU A 63 10.85 5.63 3.64
C GLU A 63 11.20 5.82 2.17
N ILE A 64 11.90 6.91 1.84
CA ILE A 64 12.41 7.06 0.50
C ILE A 64 13.57 6.08 0.32
N THR A 65 13.58 5.37 -0.80
CA THR A 65 14.61 4.42 -1.17
C THR A 65 15.70 5.01 -2.06
N ASN A 66 15.31 5.74 -3.11
CA ASN A 66 16.16 6.31 -4.09
C ASN A 66 15.60 7.71 -4.49
N THR A 67 16.53 8.62 -4.78
CA THR A 67 16.23 9.88 -5.43
C THR A 67 17.23 10.09 -6.54
N GLU A 68 16.77 10.27 -7.77
CA GLU A 68 17.64 10.28 -8.94
C GLU A 68 17.27 11.42 -9.88
N GLU A 69 18.27 12.21 -10.23
CA GLU A 69 18.11 13.26 -11.23
C GLU A 69 17.72 12.68 -12.57
N LEU A 70 16.75 13.29 -13.22
CA LEU A 70 16.34 12.93 -14.58
C LEU A 70 17.05 13.72 -15.67
N PRO A 71 17.31 13.10 -16.81
CA PRO A 71 17.98 13.79 -17.93
C PRO A 71 17.05 14.86 -18.50
N ALA B 2 16.54 19.62 -13.53
CA ALA B 2 15.89 19.57 -12.27
C ALA B 2 14.60 18.74 -12.16
N GLY B 3 14.35 17.71 -12.96
CA GLY B 3 13.38 16.68 -12.57
C GLY B 3 14.12 15.64 -11.75
N TYR B 4 13.36 15.02 -10.82
CA TYR B 4 13.83 13.93 -10.00
C TYR B 4 12.83 12.79 -9.97
N LEU B 5 13.28 11.57 -9.99
CA LEU B 5 12.49 10.40 -9.69
C LEU B 5 12.80 9.97 -8.25
N ASN B 6 11.78 9.65 -7.51
CA ASN B 6 11.91 9.05 -6.21
C ASN B 6 11.20 7.71 -6.17
N ASN B 7 11.88 6.71 -5.64
CA ASN B 7 11.23 5.44 -5.31
C ASN B 7 11.03 5.44 -3.81
N ILE B 8 9.83 5.12 -3.38
CA ILE B 8 9.46 5.16 -1.96
C ILE B 8 8.92 3.82 -1.56
N ALA B 9 9.40 3.30 -0.45
CA ALA B 9 8.87 2.09 0.17
C ALA B 9 7.73 2.43 1.08
N LEU B 10 6.58 1.83 0.85
CA LEU B 10 5.42 1.96 1.74
C LEU B 10 5.19 0.63 2.43
N ASN B 11 5.15 0.63 3.72
CA ASN B 11 4.89 -0.55 4.51
C ASN B 11 3.51 -0.40 5.14
N LEU B 12 2.55 -1.15 4.62
CA LEU B 12 1.17 -1.05 4.99
C LEU B 12 0.73 -2.27 5.81
N GLU B 13 -0.22 -2.09 6.70
CA GLU B 13 -0.88 -3.20 7.36
C GLU B 13 -2.39 -3.05 7.02
N ILE B 14 -2.91 -4.10 6.37
CA ILE B 14 -4.32 -4.12 6.03
C ILE B 14 -5.06 -5.21 6.80
N VAL B 15 -6.37 -5.13 6.81
CA VAL B 15 -7.23 -6.11 7.50
C VAL B 15 -8.10 -6.85 6.49
N LEU B 16 -8.17 -8.17 6.55
CA LEU B 16 -9.17 -8.94 5.85
C LEU B 16 -9.87 -9.87 6.81
N LYS B 17 -11.20 -9.80 6.81
CA LYS B 17 -12.09 -10.72 7.51
C LYS B 17 -12.72 -11.72 6.57
N ASN B 18 -12.82 -12.99 7.02
CA ASN B 18 -13.58 -13.94 6.21
C ASN B 18 -14.17 -14.98 7.13
N LYS B 19 -14.83 -15.95 6.52
CA LYS B 19 -15.45 -17.06 7.22
C LYS B 19 -14.78 -18.35 6.71
N ALA B 20 -14.43 -19.31 7.55
CA ALA B 20 -13.73 -20.50 7.18
C ALA B 20 -13.87 -21.51 8.32
N ASP B 21 -13.60 -22.76 7.97
CA ASP B 21 -13.66 -23.84 8.92
C ASP B 21 -12.41 -23.92 9.81
N SER B 22 -11.37 -23.16 9.51
CA SER B 22 -10.10 -23.24 10.18
C SER B 22 -9.28 -22.01 9.83
N PRO B 23 -8.28 -21.67 10.63
CA PRO B 23 -7.41 -20.55 10.25
C PRO B 23 -6.61 -20.89 9.01
N GLU B 24 -6.33 -22.15 8.77
CA GLU B 24 -5.60 -22.54 7.57
C GLU B 24 -6.36 -22.14 6.33
N VAL B 25 -7.67 -22.49 6.33
CA VAL B 25 -8.50 -22.10 5.19
C VAL B 25 -8.61 -20.58 5.10
N SER B 26 -8.77 -19.90 6.23
CA SER B 26 -8.80 -18.44 6.22
C SER B 26 -7.58 -17.88 5.53
N GLU B 27 -6.41 -18.38 5.88
CA GLU B 27 -5.17 -17.87 5.28
C GLU B 27 -5.10 -18.20 3.79
N THR B 28 -5.60 -19.37 3.36
CA THR B 28 -5.64 -19.64 1.93
C THR B 28 -6.48 -18.64 1.17
N LEU B 29 -7.59 -18.28 1.75
CA LEU B 29 -8.49 -17.32 1.14
C LEU B 29 -7.85 -15.94 1.01
N VAL B 30 -7.19 -15.52 2.07
CA VAL B 30 -6.50 -14.24 2.08
C VAL B 30 -5.37 -14.23 1.08
N THR B 31 -4.65 -15.34 1.00
CA THR B 31 -3.52 -15.48 0.08
C THR B 31 -4.01 -15.33 -1.35
N ARG B 32 -5.16 -15.90 -1.69
CA ARG B 32 -5.69 -15.73 -3.07
C ARG B 32 -5.99 -14.28 -3.35
N ILE B 33 -6.60 -13.58 -2.41
CA ILE B 33 -6.85 -12.12 -2.56
C ILE B 33 -5.55 -11.38 -2.83
N CYS B 34 -4.53 -11.62 -1.98
CA CYS B 34 -3.27 -10.88 -2.06
C CYS B 34 -2.49 -11.22 -3.31
N GLU B 35 -2.47 -12.47 -3.73
CA GLU B 35 -1.82 -12.84 -4.98
C GLU B 35 -2.36 -12.05 -6.16
N ASN B 36 -3.64 -11.78 -6.11
CA ASN B 36 -4.28 -11.02 -7.15
C ASN B 36 -4.06 -9.52 -7.09
N LEU B 37 -3.31 -9.06 -6.08
CA LEU B 37 -2.86 -7.66 -6.04
C LEU B 37 -1.47 -7.50 -6.63
N LEU B 38 -0.67 -8.53 -6.76
CA LEU B 38 0.76 -8.36 -7.09
C LEU B 38 1.18 -7.55 -8.27
N LEU B 39 0.36 -7.62 -9.30
CA LEU B 39 0.65 -6.91 -10.57
C LEU B 39 -0.21 -5.69 -10.76
N SER B 40 -0.71 -5.15 -9.65
CA SER B 40 -1.44 -3.90 -9.71
C SER B 40 -0.56 -2.78 -10.26
N LYS B 41 -1.16 -1.85 -11.00
CA LYS B 41 -0.44 -0.73 -11.53
C LYS B 41 -0.46 0.53 -10.69
N GLU B 42 -1.44 0.67 -9.83
CA GLU B 42 -1.62 1.89 -9.03
C GLU B 42 -2.13 1.49 -7.66
N VAL B 43 -1.71 2.30 -6.68
CA VAL B 43 -2.23 2.24 -5.31
C VAL B 43 -2.73 3.61 -4.94
N SER B 44 -3.85 3.66 -4.22
CA SER B 44 -4.53 4.93 -3.91
C SER B 44 -4.90 4.94 -2.45
N PHE B 45 -4.83 6.14 -1.87
CA PHE B 45 -5.14 6.35 -0.45
C PHE B 45 -6.25 7.37 -0.31
N LEU B 46 -7.22 7.04 0.53
CA LEU B 46 -8.31 7.96 0.88
C LEU B 46 -7.91 8.77 2.11
N LYS B 47 -7.93 10.08 1.95
CA LYS B 47 -7.60 10.99 3.03
C LYS B 47 -8.87 11.37 3.79
N ALA B 48 -8.70 11.86 5.02
CA ALA B 48 -9.80 12.20 5.90
C ALA B 48 -10.64 13.34 5.33
N ASP B 49 -10.03 14.18 4.50
CA ASP B 49 -10.73 15.28 3.93
C ASP B 49 -11.48 14.86 2.68
N GLY B 50 -11.47 13.60 2.29
CA GLY B 50 -12.22 13.01 1.20
C GLY B 50 -11.48 13.08 -0.13
N SER B 51 -10.24 13.55 -0.12
CA SER B 51 -9.43 13.52 -1.32
C SER B 51 -8.75 12.15 -1.41
N VAL B 52 -8.40 11.79 -2.66
CA VAL B 52 -7.69 10.53 -2.94
C VAL B 52 -6.36 10.86 -3.60
N GLU B 53 -5.30 10.20 -3.15
CA GLU B 53 -3.98 10.33 -3.79
C GLU B 53 -3.61 9.01 -4.40
N ASN B 54 -3.18 9.08 -5.63
CA ASN B 54 -2.88 7.95 -6.51
C ASN B 54 -1.40 7.86 -6.80
N PHE B 55 -0.81 6.69 -6.75
CA PHE B 55 0.58 6.47 -6.97
C PHE B 55 0.86 5.26 -7.89
N LYS B 56 1.81 5.42 -8.76
CA LYS B 56 2.27 4.33 -9.62
C LYS B 56 3.06 3.34 -8.80
N LEU B 57 2.66 2.08 -8.91
CA LEU B 57 3.28 0.98 -8.18
C LEU B 57 4.37 0.34 -9.04
N SER B 58 5.54 0.14 -8.45
N SER B 58 5.52 0.12 -8.44
CA SER B 58 6.77 -0.41 -8.97
CA SER B 58 6.50 -0.66 -9.19
C SER B 58 7.17 -1.79 -8.42
C SER B 58 6.60 -2.09 -8.68
N ASP B 59 6.54 -2.27 -7.37
CA ASP B 59 6.78 -3.58 -6.78
C ASP B 59 5.84 -3.80 -5.63
N GLU B 61 5.25 -6.93 -2.35
CA GLU B 61 5.37 -8.21 -1.66
C GLU B 61 4.37 -8.18 -0.51
N TYR B 62 3.94 -9.30 0.01
CA TYR B 62 3.08 -9.32 1.17
C TYR B 62 3.42 -10.54 2.05
N GLU B 63 2.91 -10.48 3.27
CA GLU B 63 2.93 -11.63 4.18
C GLU B 63 1.83 -11.47 5.20
N ILE B 64 1.17 -12.57 5.56
CA ILE B 64 0.17 -12.52 6.63
C ILE B 64 0.90 -12.40 7.95
N THR B 65 0.48 -11.47 8.80
CA THR B 65 1.09 -11.21 10.09
C THR B 65 0.39 -12.00 11.19
N ASN B 66 -0.94 -11.94 11.22
N ASN B 66 -0.94 -12.01 11.15
CA ASN B 66 -1.78 -12.58 12.20
CA ASN B 66 -1.61 -12.83 12.17
C ASN B 66 -3.09 -13.15 11.59
C ASN B 66 -3.03 -13.13 11.68
N THR B 67 -3.57 -14.22 12.20
CA THR B 67 -4.86 -14.77 11.88
C THR B 67 -5.51 -15.11 13.22
N GLU B 68 -6.69 -14.55 13.45
CA GLU B 68 -7.33 -14.64 14.71
C GLU B 68 -8.80 -14.99 14.62
N GLU B 69 -9.24 -16.02 15.32
CA GLU B 69 -10.64 -16.39 15.36
C GLU B 69 -11.49 -15.29 15.99
N LEU B 70 -12.61 -14.98 15.38
CA LEU B 70 -13.53 -14.01 15.97
C LEU B 70 -14.56 -14.67 16.83
N PRO B 71 -15.12 -13.99 17.83
CA PRO B 71 -16.17 -14.59 18.65
C PRO B 71 -17.47 -14.69 17.86
#